data_7W15
#
_entry.id   7W15
#
_cell.length_a   84.620
_cell.length_b   50.278
_cell.length_c   97.396
_cell.angle_alpha   90.000
_cell.angle_beta   115.410
_cell.angle_gamma   90.000
#
_symmetry.space_group_name_H-M   'P 1 21 1'
#
loop_
_entity.id
_entity.type
_entity.pdbx_description
1 polymer "Macrolide 2'-phosphotransferase"
2 non-polymer 'ERYTHROMYCIN A'
3 non-polymer "GUANOSINE-5'-TRIPHOSPHATE"
4 non-polymer 'MAGNESIUM ION'
5 non-polymer GLYCEROL
6 water water
#
_entity_poly.entity_id   1
_entity_poly.type   'polypeptide(L)'
_entity_poly.pdbx_seq_one_letter_code
;MTIQDIQSLAEAHGLLLTDKMNFNEMGIDFKVVFALDTKGQQWLLRIPRRDGMREQIKKEKRILELVKKHLSVEVPDWRI
SSTELVAYPILKDNPVLNLDAETYEIIWNMDKDSPKYITSLAKTLFEIHSIPEKEVRENDLKIMKPSDLRPEIANNLQLV
KSEIGISEQLETRYRKWLDNDVLWADFTQFIHGDLYAGHVLASKDGAVSGVIDWSTAHIDDPAIDFAGHVTLFGEESLKT
LIIEYEKLGGKVWNKLYEQTLERAAASPLMYGLFALETQNESLIVGAKAQLGVILEHHHHHH
;
_entity_poly.pdbx_strand_id   B,A
#
# COMPACT_ATOMS: atom_id res chain seq x y z
N MET A 1 37.74 0.26 11.07
CA MET A 1 37.75 -0.69 9.97
C MET A 1 38.11 0.02 8.68
N THR A 2 38.97 -0.59 7.88
CA THR A 2 39.36 -0.02 6.60
C THR A 2 38.35 -0.36 5.51
N ILE A 3 38.43 0.38 4.40
CA ILE A 3 37.62 0.03 3.24
C ILE A 3 37.92 -1.40 2.82
N GLN A 4 39.20 -1.76 2.81
CA GLN A 4 39.56 -3.13 2.41
C GLN A 4 38.99 -4.16 3.37
N ASP A 5 38.97 -3.86 4.69
CA ASP A 5 38.35 -4.78 5.64
C ASP A 5 36.89 -5.04 5.29
N ILE A 6 36.18 -3.96 4.95
CA ILE A 6 34.77 -4.09 4.60
C ILE A 6 34.61 -4.85 3.29
N GLN A 7 35.45 -4.56 2.29
CA GLN A 7 35.41 -5.32 1.04
C GLN A 7 35.62 -6.81 1.30
N SER A 8 36.57 -7.16 2.18
CA SER A 8 36.81 -8.57 2.47
C SER A 8 35.63 -9.22 3.19
N LEU A 9 35.04 -8.52 4.16
CA LEU A 9 33.88 -9.08 4.85
C LEU A 9 32.73 -9.31 3.87
N ALA A 10 32.48 -8.35 2.99
CA ALA A 10 31.41 -8.50 2.01
C ALA A 10 31.71 -9.62 1.02
N GLU A 11 32.96 -9.72 0.54
CA GLU A 11 33.31 -10.79 -0.39
C GLU A 11 33.14 -12.16 0.25
N ALA A 12 33.36 -12.25 1.57
CA ALA A 12 33.13 -13.47 2.30
C ALA A 12 31.68 -13.90 2.27
N HIS A 13 30.78 -12.95 2.03
CA HIS A 13 29.35 -13.21 1.93
C HIS A 13 28.83 -13.05 0.49
N GLY A 14 29.70 -13.20 -0.50
CA GLY A 14 29.28 -13.21 -1.89
C GLY A 14 28.94 -11.86 -2.48
N LEU A 15 29.32 -10.76 -1.82
CA LEU A 15 29.03 -9.40 -2.25
C LEU A 15 30.33 -8.71 -2.62
N LEU A 16 30.48 -8.33 -3.91
CA LEU A 16 31.73 -7.76 -4.41
C LEU A 16 31.58 -6.24 -4.50
N LEU A 17 32.32 -5.53 -3.65
CA LEU A 17 32.11 -4.10 -3.43
C LEU A 17 33.22 -3.30 -4.09
N THR A 18 32.86 -2.15 -4.66
CA THR A 18 33.85 -1.14 -5.02
C THR A 18 34.45 -0.55 -3.75
N ASP A 19 35.48 0.29 -3.93
CA ASP A 19 36.07 1.00 -2.79
C ASP A 19 35.36 2.31 -2.48
N LYS A 20 34.19 2.54 -3.06
CA LYS A 20 33.44 3.77 -2.84
C LYS A 20 32.47 3.51 -1.69
N MET A 21 32.77 4.05 -0.51
CA MET A 21 31.87 3.81 0.61
C MET A 21 32.03 4.91 1.66
N ASN A 22 30.99 5.08 2.46
CA ASN A 22 31.07 6.00 3.58
C ASN A 22 30.35 5.35 4.76
N PHE A 23 30.65 5.86 5.96
CA PHE A 23 30.30 5.19 7.20
C PHE A 23 29.28 6.02 7.95
N ASN A 24 28.34 5.35 8.59
CA ASN A 24 27.38 6.01 9.46
C ASN A 24 27.49 5.33 10.82
N GLU A 25 27.78 6.12 11.86
CA GLU A 25 28.05 5.61 13.21
C GLU A 25 26.94 5.96 14.19
N MET A 26 25.79 6.41 13.66
CA MET A 26 24.62 6.74 14.46
C MET A 26 24.17 5.60 15.37
N GLY A 27 24.22 4.37 14.87
CA GLY A 27 23.61 3.25 15.57
C GLY A 27 24.50 2.68 16.67
N ILE A 28 23.85 2.25 17.75
CA ILE A 28 24.51 1.57 18.87
C ILE A 28 24.76 0.10 18.57
N ASP A 29 23.86 -0.55 17.82
CA ASP A 29 23.93 -1.99 17.60
C ASP A 29 24.82 -2.37 16.42
N PHE A 30 24.80 -1.56 15.36
CA PHE A 30 25.49 -1.86 14.10
C PHE A 30 26.24 -0.64 13.59
N LYS A 31 27.47 -0.86 13.14
CA LYS A 31 28.13 0.10 12.27
C LYS A 31 27.51 0.02 10.88
N VAL A 32 27.19 1.13 10.25
CA VAL A 32 26.59 0.97 8.93
C VAL A 32 27.52 1.55 7.89
N VAL A 33 27.51 0.91 6.74
CA VAL A 33 28.31 1.32 5.59
C VAL A 33 27.36 1.54 4.43
N PHE A 34 27.49 2.69 3.75
CA PHE A 34 26.85 2.89 2.47
C PHE A 34 27.85 2.42 1.43
N ALA A 35 27.53 1.33 0.74
CA ALA A 35 28.48 0.71 -0.16
C ALA A 35 27.86 0.58 -1.55
N LEU A 36 28.70 0.18 -2.49
CA LEU A 36 28.35 0.16 -3.90
C LEU A 36 29.02 -1.04 -4.54
N ASP A 37 28.22 -1.95 -5.10
CA ASP A 37 28.85 -3.14 -5.67
C ASP A 37 29.31 -2.88 -7.09
N THR A 38 30.05 -3.85 -7.64
CA THR A 38 30.69 -3.63 -8.93
C THR A 38 29.70 -3.74 -10.09
N LYS A 39 28.44 -4.08 -9.81
CA LYS A 39 27.39 -3.98 -10.80
C LYS A 39 26.60 -2.69 -10.70
N GLY A 40 26.95 -1.82 -9.74
CA GLY A 40 26.31 -0.51 -9.63
C GLY A 40 25.15 -0.42 -8.66
N GLN A 41 24.85 -1.49 -7.94
CA GLN A 41 23.80 -1.47 -6.94
C GLN A 41 24.32 -0.89 -5.62
N GLN A 42 23.55 0.02 -5.02
CA GLN A 42 23.88 0.60 -3.72
C GLN A 42 23.39 -0.30 -2.59
N TRP A 43 24.27 -0.53 -1.61
CA TRP A 43 23.99 -1.44 -0.52
C TRP A 43 24.11 -0.74 0.82
N LEU A 44 23.29 -1.17 1.75
CA LEU A 44 23.37 -0.76 3.14
C LEU A 44 23.93 -1.94 3.92
N LEU A 45 25.11 -1.78 4.51
CA LEU A 45 25.71 -2.82 5.34
C LEU A 45 25.48 -2.48 6.81
N ARG A 46 25.11 -3.50 7.59
CA ARG A 46 24.97 -3.34 9.06
C ARG A 46 25.91 -4.38 9.69
N ILE A 47 26.92 -3.91 10.39
CA ILE A 47 27.95 -4.80 10.93
C ILE A 47 27.82 -4.81 12.45
N PRO A 48 27.53 -5.96 13.07
CA PRO A 48 27.26 -5.99 14.51
C PRO A 48 28.42 -5.40 15.29
N ARG A 49 28.11 -4.53 16.27
CA ARG A 49 29.17 -3.92 17.06
C ARG A 49 29.60 -4.78 18.24
N ARG A 50 28.79 -5.74 18.67
CA ARG A 50 29.05 -6.49 19.89
C ARG A 50 29.01 -7.98 19.65
N ASP A 51 29.65 -8.71 20.55
CA ASP A 51 29.56 -10.17 20.45
C ASP A 51 28.17 -10.61 20.91
N GLY A 52 27.75 -11.80 20.51
CA GLY A 52 26.49 -12.42 20.89
C GLY A 52 25.23 -11.76 20.37
N MET A 53 25.27 -11.26 19.14
CA MET A 53 24.11 -10.64 18.51
C MET A 53 23.40 -11.56 17.54
N ARG A 54 23.78 -12.85 17.49
CA ARG A 54 23.19 -13.73 16.49
C ARG A 54 21.67 -13.81 16.62
N GLU A 55 21.18 -13.99 17.85
CA GLU A 55 19.74 -14.16 18.02
C GLU A 55 18.97 -12.91 17.62
N GLN A 56 19.49 -11.72 17.93
CA GLN A 56 18.73 -10.52 17.57
C GLN A 56 18.74 -10.31 16.05
N ILE A 57 19.81 -10.75 15.37
CA ILE A 57 19.84 -10.70 13.91
C ILE A 57 18.78 -11.64 13.34
N LYS A 58 18.64 -12.83 13.91
CA LYS A 58 17.66 -13.74 13.33
C LYS A 58 16.25 -13.28 13.67
N LYS A 59 16.08 -12.67 14.84
CA LYS A 59 14.78 -12.12 15.18
C LYS A 59 14.39 -10.97 14.27
N GLU A 60 15.31 -10.03 14.04
CA GLU A 60 14.96 -8.90 13.18
C GLU A 60 14.65 -9.38 11.77
N LYS A 61 15.36 -10.40 11.30
CA LYS A 61 15.04 -10.93 9.97
C LYS A 61 13.60 -11.41 9.91
N ARG A 62 13.19 -12.17 10.94
CA ARG A 62 11.81 -12.67 11.04
C ARG A 62 10.82 -11.50 11.14
N ILE A 63 11.15 -10.48 11.92
CA ILE A 63 10.25 -9.33 12.04
C ILE A 63 10.02 -8.69 10.67
N LEU A 64 11.10 -8.51 9.92
CA LEU A 64 10.99 -7.83 8.63
C LEU A 64 10.14 -8.65 7.67
N GLU A 65 10.29 -9.97 7.67
CA GLU A 65 9.45 -10.78 6.81
C GLU A 65 7.98 -10.67 7.20
N LEU A 66 7.69 -10.50 8.49
CA LEU A 66 6.30 -10.31 8.91
C LEU A 66 5.77 -8.96 8.50
N VAL A 67 6.51 -7.88 8.79
CA VAL A 67 5.94 -6.54 8.62
C VAL A 67 5.83 -6.18 7.14
N LYS A 68 6.72 -6.68 6.28
CA LYS A 68 6.70 -6.17 4.92
C LYS A 68 5.38 -6.51 4.24
N LYS A 69 4.74 -7.59 4.68
CA LYS A 69 3.44 -8.02 4.17
C LYS A 69 2.30 -7.09 4.54
N HIS A 70 2.46 -6.29 5.58
CA HIS A 70 1.38 -5.47 6.11
C HIS A 70 1.54 -3.97 5.90
N LEU A 71 2.71 -3.49 5.47
CA LEU A 71 2.98 -2.06 5.41
C LEU A 71 2.97 -1.58 3.98
N SER A 72 2.41 -0.37 3.77
CA SER A 72 2.48 0.30 2.48
C SER A 72 3.87 0.83 2.18
N VAL A 73 4.65 1.18 3.20
CA VAL A 73 5.98 1.72 2.96
C VAL A 73 6.99 0.58 2.91
N GLU A 74 8.18 0.89 2.36
CA GLU A 74 9.30 -0.04 2.28
C GLU A 74 9.91 -0.31 3.64
N VAL A 75 10.43 -1.52 3.83
CA VAL A 75 11.34 -1.84 4.93
C VAL A 75 12.56 -2.54 4.35
N PRO A 76 13.65 -2.60 5.10
CA PRO A 76 14.86 -3.27 4.59
C PRO A 76 14.57 -4.67 4.07
N ASP A 77 15.11 -4.99 2.89
CA ASP A 77 14.93 -6.29 2.26
C ASP A 77 16.26 -7.04 2.40
N TRP A 78 16.40 -7.77 3.49
CA TRP A 78 17.68 -8.37 3.82
C TRP A 78 18.04 -9.42 2.80
N ARG A 79 19.28 -9.37 2.31
CA ARG A 79 19.83 -10.40 1.43
C ARG A 79 20.97 -11.18 2.06
N ILE A 80 21.71 -10.56 2.99
CA ILE A 80 22.74 -11.21 3.80
C ILE A 80 22.33 -10.99 5.25
N SER A 81 22.45 -12.02 6.08
CA SER A 81 21.98 -11.93 7.47
C SER A 81 22.72 -12.92 8.35
N SER A 82 24.03 -13.00 8.18
CA SER A 82 24.89 -13.85 8.96
C SER A 82 25.18 -13.23 10.32
N THR A 83 25.90 -13.97 11.17
CA THR A 83 26.30 -13.37 12.44
C THR A 83 27.32 -12.26 12.25
N GLU A 84 28.01 -12.24 11.11
CA GLU A 84 29.06 -11.26 10.80
C GLU A 84 28.58 -10.06 10.00
N LEU A 85 27.49 -10.18 9.22
CA LEU A 85 27.13 -9.10 8.32
C LEU A 85 25.64 -9.19 7.97
N VAL A 86 24.99 -8.03 7.98
CA VAL A 86 23.63 -7.82 7.48
C VAL A 86 23.74 -6.86 6.30
N ALA A 87 23.05 -7.16 5.21
CA ALA A 87 23.11 -6.27 4.05
C ALA A 87 21.78 -6.27 3.32
N TYR A 88 21.34 -5.08 2.92
CA TYR A 88 20.16 -4.94 2.08
C TYR A 88 20.39 -3.81 1.08
N PRO A 89 19.73 -3.86 -0.06
CA PRO A 89 19.79 -2.74 -1.01
C PRO A 89 19.28 -1.49 -0.33
N ILE A 90 19.93 -0.36 -0.63
CA ILE A 90 19.53 0.91 -0.01
C ILE A 90 18.10 1.22 -0.36
N LEU A 91 17.36 1.78 0.61
CA LEU A 91 15.98 2.11 0.32
C LEU A 91 15.89 3.40 -0.49
N LYS A 92 14.67 3.74 -0.93
CA LYS A 92 14.50 4.80 -1.93
C LYS A 92 14.89 6.17 -1.39
N ASP A 93 14.46 6.52 -0.17
CA ASP A 93 14.55 7.89 0.31
C ASP A 93 15.49 8.03 1.50
N ASN A 94 15.92 9.28 1.76
CA ASN A 94 16.74 9.55 2.94
C ASN A 94 15.88 9.56 4.21
N PRO A 95 16.48 9.28 5.36
CA PRO A 95 15.75 9.49 6.61
C PRO A 95 15.41 10.95 6.79
N VAL A 96 14.36 11.16 7.60
CA VAL A 96 13.91 12.51 7.89
C VAL A 96 15.03 13.30 8.54
N LEU A 97 15.82 12.64 9.38
CA LEU A 97 16.98 13.31 9.94
C LEU A 97 18.15 12.34 9.99
N ASN A 98 19.33 12.95 10.03
CA ASN A 98 20.61 12.30 10.17
C ASN A 98 21.37 13.05 11.25
N LEU A 99 22.48 12.48 11.68
CA LEU A 99 23.41 13.20 12.54
C LEU A 99 24.62 13.59 11.70
N ASP A 100 25.12 14.80 11.90
CA ASP A 100 26.31 15.23 11.21
C ASP A 100 27.48 14.36 11.67
N ALA A 101 28.21 13.78 10.72
CA ALA A 101 29.25 12.82 11.07
C ALA A 101 30.32 13.44 11.97
N GLU A 102 30.72 14.68 11.69
CA GLU A 102 31.70 15.35 12.56
C GLU A 102 31.07 15.92 13.83
N THR A 103 30.06 16.78 13.67
CA THR A 103 29.53 17.53 14.80
C THR A 103 28.59 16.69 15.64
N TYR A 104 27.96 15.68 15.04
CA TYR A 104 26.95 14.85 15.69
C TYR A 104 25.65 15.61 15.91
N GLU A 105 25.46 16.72 15.19
CA GLU A 105 24.27 17.56 15.36
C GLU A 105 23.21 17.08 14.38
N ILE A 106 21.96 17.31 14.74
CA ILE A 106 20.86 16.87 13.89
C ILE A 106 20.92 17.61 12.57
N ILE A 107 20.83 16.86 11.47
CA ILE A 107 20.61 17.44 10.15
C ILE A 107 19.24 17.00 9.68
N TRP A 108 18.36 17.97 9.42
CA TRP A 108 17.00 17.73 8.95
C TRP A 108 17.00 17.68 7.42
N ASN A 109 16.47 16.59 6.87
CA ASN A 109 16.35 16.40 5.43
C ASN A 109 14.97 16.77 4.90
N MET A 110 14.06 17.18 5.77
CA MET A 110 12.79 17.77 5.37
C MET A 110 12.54 18.95 6.29
N ASP A 111 11.64 19.85 5.88
CA ASP A 111 11.17 20.85 6.82
C ASP A 111 10.45 20.13 7.94
N LYS A 112 10.85 20.37 9.20
CA LYS A 112 10.20 19.55 10.23
C LYS A 112 8.72 19.87 10.36
N ASP A 113 8.29 21.03 9.91
CA ASP A 113 6.86 21.33 10.02
C ASP A 113 6.05 20.73 8.88
N SER A 114 6.61 19.85 8.07
CA SER A 114 5.89 19.37 6.90
C SER A 114 4.57 18.70 7.31
N PRO A 115 3.43 19.18 6.81
CA PRO A 115 2.15 18.54 7.17
C PRO A 115 2.00 17.13 6.63
N LYS A 116 2.57 16.87 5.44
CA LYS A 116 2.52 15.53 4.86
C LYS A 116 3.22 14.51 5.75
N TYR A 117 4.26 14.94 6.47
CA TYR A 117 4.93 14.00 7.36
C TYR A 117 3.96 13.51 8.42
N ILE A 118 3.12 14.41 8.94
CA ILE A 118 2.22 14.01 10.02
C ILE A 118 1.15 13.07 9.51
N THR A 119 0.53 13.39 8.36
CA THR A 119 -0.55 12.53 7.88
C THR A 119 -0.02 11.17 7.43
N SER A 120 1.15 11.14 6.78
CA SER A 120 1.67 9.85 6.32
C SER A 120 2.27 9.06 7.47
N LEU A 121 2.89 9.74 8.45
CA LEU A 121 3.34 9.02 9.64
C LEU A 121 2.15 8.40 10.38
N ALA A 122 1.03 9.13 10.47
CA ALA A 122 -0.15 8.55 11.13
C ALA A 122 -0.58 7.26 10.43
N LYS A 123 -0.54 7.24 9.10
CA LYS A 123 -0.92 6.06 8.35
C LYS A 123 0.01 4.90 8.61
N THR A 124 1.32 5.15 8.63
CA THR A 124 2.27 4.09 8.93
C THR A 124 2.09 3.56 10.35
N LEU A 125 1.84 4.46 11.32
CA LEU A 125 1.55 4.01 12.67
C LEU A 125 0.30 3.13 12.70
N PHE A 126 -0.74 3.55 11.97
CA PHE A 126 -1.96 2.73 11.92
C PHE A 126 -1.65 1.34 11.35
N GLU A 127 -0.90 1.29 10.26
CA GLU A 127 -0.61 -0.01 9.65
C GLU A 127 0.24 -0.90 10.55
N ILE A 128 1.28 -0.35 11.19
CA ILE A 128 2.08 -1.15 12.11
C ILE A 128 1.21 -1.70 13.22
N HIS A 129 0.39 -0.85 13.82
CA HIS A 129 -0.36 -1.23 15.01
C HIS A 129 -1.51 -2.16 14.70
N SER A 130 -1.84 -2.31 13.42
CA SER A 130 -2.88 -3.21 12.94
C SER A 130 -2.41 -4.64 12.74
N ILE A 131 -1.11 -4.89 12.81
CA ILE A 131 -0.61 -6.24 12.53
C ILE A 131 -1.21 -7.23 13.53
N PRO A 132 -1.85 -8.31 13.07
CA PRO A 132 -2.60 -9.17 13.99
C PRO A 132 -1.74 -9.87 15.02
N GLU A 133 -2.26 -9.92 16.24
CA GLU A 133 -1.55 -10.58 17.34
C GLU A 133 -1.26 -12.05 17.03
N LYS A 134 -2.17 -12.73 16.31
CA LYS A 134 -1.92 -14.14 15.98
C LYS A 134 -0.61 -14.30 15.20
N GLU A 135 -0.37 -13.39 14.26
CA GLU A 135 0.87 -13.45 13.47
C GLU A 135 2.09 -13.12 14.31
N VAL A 136 1.97 -12.17 15.22
CA VAL A 136 3.07 -11.88 16.11
C VAL A 136 3.40 -13.10 16.96
N ARG A 137 2.38 -13.76 17.50
CA ARG A 137 2.61 -14.94 18.34
C ARG A 137 3.25 -16.06 17.53
N GLU A 138 2.75 -16.29 16.31
CA GLU A 138 3.28 -17.33 15.45
C GLU A 138 4.75 -17.10 15.10
N ASN A 139 5.20 -15.85 15.11
CA ASN A 139 6.59 -15.48 14.88
C ASN A 139 7.42 -15.41 16.16
N ASP A 140 6.89 -15.85 17.29
CA ASP A 140 7.66 -15.99 18.52
C ASP A 140 8.23 -14.65 19.01
N LEU A 141 7.52 -13.55 18.77
CA LEU A 141 7.89 -12.24 19.29
C LEU A 141 7.25 -11.98 20.64
N LYS A 142 7.90 -11.15 21.46
CA LYS A 142 7.40 -10.88 22.79
C LYS A 142 6.03 -10.22 22.73
N ILE A 143 5.14 -10.67 23.61
CA ILE A 143 3.81 -10.09 23.70
C ILE A 143 3.61 -9.64 25.13
N MET A 144 3.55 -8.33 25.35
CA MET A 144 3.27 -7.74 26.65
C MET A 144 1.80 -7.39 26.71
N LYS A 145 1.12 -7.90 27.73
CA LYS A 145 -0.26 -7.59 27.99
C LYS A 145 -0.38 -6.31 28.79
N PRO A 146 -1.52 -5.64 28.74
CA PRO A 146 -1.68 -4.43 29.56
C PRO A 146 -1.31 -4.67 31.01
N SER A 147 -1.67 -5.83 31.56
CA SER A 147 -1.34 -6.14 32.96
C SER A 147 0.15 -6.28 33.22
N ASP A 148 0.96 -6.51 32.17
CA ASP A 148 2.40 -6.67 32.30
C ASP A 148 3.17 -5.36 32.38
N LEU A 149 2.61 -4.25 31.88
CA LEU A 149 3.44 -3.07 31.62
C LEU A 149 3.97 -2.43 32.89
N ARG A 150 3.10 -2.17 33.87
CA ARG A 150 3.59 -1.45 35.04
C ARG A 150 4.53 -2.30 35.89
N PRO A 151 4.23 -3.59 36.14
CA PRO A 151 5.21 -4.42 36.85
C PRO A 151 6.56 -4.49 36.18
N GLU A 152 6.60 -4.55 34.85
CA GLU A 152 7.88 -4.57 34.16
C GLU A 152 8.66 -3.28 34.40
N ILE A 153 8.02 -2.13 34.19
CA ILE A 153 8.71 -0.87 34.36
C ILE A 153 9.18 -0.70 35.80
N ALA A 154 8.34 -1.14 36.76
CA ALA A 154 8.74 -1.10 38.16
C ALA A 154 9.97 -1.96 38.41
N ASN A 155 10.00 -3.16 37.83
CA ASN A 155 11.21 -3.99 37.90
C ASN A 155 12.40 -3.27 37.27
N ASN A 156 12.18 -2.62 36.12
CA ASN A 156 13.27 -1.90 35.45
C ASN A 156 13.83 -0.81 36.34
N LEU A 157 12.94 -0.05 36.98
CA LEU A 157 13.36 1.03 37.86
C LEU A 157 14.18 0.48 39.02
N GLN A 158 13.73 -0.60 39.64
CA GLN A 158 14.49 -1.14 40.78
C GLN A 158 15.86 -1.62 40.32
N LEU A 159 15.92 -2.32 39.19
CA LEU A 159 17.18 -2.81 38.66
C LEU A 159 18.13 -1.67 38.30
N VAL A 160 17.64 -0.65 37.60
CA VAL A 160 18.51 0.46 37.22
C VAL A 160 18.97 1.24 38.45
N LYS A 161 18.06 1.49 39.39
CA LYS A 161 18.46 2.21 40.61
C LYS A 161 19.53 1.43 41.37
N SER A 162 19.38 0.11 41.46
CA SER A 162 20.33 -0.71 42.20
C SER A 162 21.69 -0.81 41.51
N GLU A 163 21.69 -1.08 40.20
CA GLU A 163 22.92 -1.34 39.46
C GLU A 163 23.68 -0.06 39.10
N ILE A 164 22.96 1.00 38.70
CA ILE A 164 23.57 2.22 38.19
C ILE A 164 23.27 3.43 39.07
N GLY A 165 22.08 3.47 39.64
CA GLY A 165 21.64 4.67 40.30
C GLY A 165 20.72 5.52 39.43
N ILE A 166 19.95 6.38 40.08
CA ILE A 166 19.04 7.27 39.39
C ILE A 166 18.86 8.51 40.25
N SER A 167 18.73 9.66 39.60
CA SER A 167 18.50 10.88 40.37
C SER A 167 17.16 10.80 41.11
N GLU A 168 17.06 11.56 42.19
CA GLU A 168 15.81 11.54 42.95
C GLU A 168 14.67 12.15 42.15
N GLN A 169 14.96 13.12 41.29
CA GLN A 169 13.93 13.72 40.48
C GLN A 169 13.36 12.74 39.48
N LEU A 170 14.24 12.02 38.77
CA LEU A 170 13.76 11.05 37.79
C LEU A 170 12.99 9.93 38.48
N GLU A 171 13.50 9.45 39.61
CA GLU A 171 12.80 8.39 40.34
C GLU A 171 11.40 8.83 40.75
N THR A 172 11.28 10.05 41.28
CA THR A 172 9.96 10.54 41.68
C THR A 172 9.01 10.60 40.49
N ARG A 173 9.48 11.08 39.35
CA ARG A 173 8.61 11.16 38.18
C ARG A 173 8.14 9.77 37.77
N TYR A 174 9.09 8.82 37.65
CA TYR A 174 8.75 7.46 37.24
C TYR A 174 7.80 6.79 38.22
N ARG A 175 7.90 7.11 39.50
CA ARG A 175 7.01 6.42 40.42
C ARG A 175 5.63 7.04 40.42
N LYS A 176 5.53 8.36 40.21
CA LYS A 176 4.23 8.96 39.95
C LYS A 176 3.59 8.37 38.69
N TRP A 177 4.38 8.24 37.62
CA TRP A 177 3.87 7.69 36.37
C TRP A 177 3.30 6.29 36.57
N LEU A 178 4.07 5.44 37.25
CA LEU A 178 3.63 4.07 37.50
C LEU A 178 2.33 4.02 38.31
N ASP A 179 2.13 4.97 39.22
CA ASP A 179 0.93 5.02 40.04
C ASP A 179 -0.25 5.71 39.37
N ASN A 180 -0.04 6.38 38.24
CA ASN A 180 -1.08 7.21 37.60
C ASN A 180 -1.92 6.32 36.67
N ASP A 181 -2.94 5.68 37.23
CA ASP A 181 -3.64 4.62 36.49
C ASP A 181 -4.23 5.10 35.18
N VAL A 182 -4.81 6.32 35.16
CA VAL A 182 -5.55 6.73 33.98
C VAL A 182 -4.65 6.83 32.75
N LEU A 183 -3.33 6.97 32.94
CA LEU A 183 -2.43 7.12 31.80
C LEU A 183 -2.32 5.84 30.99
N TRP A 184 -2.52 4.68 31.62
CA TRP A 184 -2.17 3.39 31.03
C TRP A 184 -3.33 2.78 30.25
N ALA A 185 -3.05 2.33 29.03
CA ALA A 185 -4.10 1.80 28.18
C ALA A 185 -4.53 0.42 28.67
N ASP A 186 -5.74 0.03 28.29
CA ASP A 186 -6.25 -1.31 28.58
C ASP A 186 -6.04 -2.26 27.41
N PHE A 187 -5.18 -1.90 26.47
CA PHE A 187 -4.84 -2.76 25.34
C PHE A 187 -3.38 -2.57 24.96
N THR A 188 -2.81 -3.58 24.29
CA THR A 188 -1.49 -3.45 23.69
C THR A 188 -1.58 -3.88 22.23
N GLN A 189 -0.63 -3.40 21.42
CA GLN A 189 -0.63 -3.64 19.98
C GLN A 189 0.80 -3.88 19.50
N PHE A 190 0.93 -4.42 18.29
CA PHE A 190 2.27 -4.56 17.69
C PHE A 190 2.87 -3.19 17.41
N ILE A 191 4.12 -2.96 17.87
CA ILE A 191 4.78 -1.67 17.72
C ILE A 191 6.17 -1.86 17.13
N HIS A 192 6.68 -0.81 16.49
CA HIS A 192 8.06 -0.79 16.02
C HIS A 192 9.05 -0.82 17.19
N GLY A 193 8.81 0.01 18.21
CA GLY A 193 9.52 -0.06 19.47
C GLY A 193 10.77 0.79 19.57
N ASP A 194 11.22 1.38 18.47
CA ASP A 194 12.37 2.28 18.47
C ASP A 194 12.12 3.36 17.41
N LEU A 195 10.89 3.84 17.33
CA LEU A 195 10.45 4.68 16.22
C LEU A 195 10.72 6.15 16.52
N TYR A 196 11.47 6.80 15.64
CA TYR A 196 11.66 8.26 15.66
C TYR A 196 12.18 8.67 14.28
N ALA A 197 12.36 9.99 14.09
CA ALA A 197 12.63 10.51 12.75
C ALA A 197 13.88 9.89 12.13
N GLY A 198 14.85 9.49 12.95
CA GLY A 198 16.06 8.86 12.43
C GLY A 198 15.80 7.55 11.70
N HIS A 199 14.65 6.91 11.96
CA HIS A 199 14.30 5.63 11.37
C HIS A 199 13.19 5.74 10.33
N VAL A 200 12.71 6.95 10.03
CA VAL A 200 11.64 7.14 9.07
C VAL A 200 12.24 7.78 7.82
N LEU A 201 11.98 7.17 6.65
CA LEU A 201 12.48 7.65 5.37
C LEU A 201 11.33 8.37 4.66
N ALA A 202 11.64 9.51 4.04
CA ALA A 202 10.58 10.29 3.41
C ALA A 202 11.14 11.04 2.20
N SER A 203 10.27 11.33 1.24
CA SER A 203 10.62 12.25 0.16
C SER A 203 10.71 13.66 0.73
N LYS A 204 11.30 14.58 -0.05
CA LYS A 204 11.62 15.89 0.52
C LYS A 204 10.36 16.59 1.02
N ASP A 205 9.21 16.33 0.39
CA ASP A 205 7.93 16.89 0.82
C ASP A 205 7.47 16.34 2.17
N GLY A 206 8.12 15.31 2.69
CA GLY A 206 7.74 14.71 3.95
C GLY A 206 6.86 13.49 3.86
N ALA A 207 6.57 13.02 2.66
CA ALA A 207 5.74 11.83 2.54
C ALA A 207 6.57 10.62 2.94
N VAL A 208 6.15 9.93 4.02
CA VAL A 208 6.89 8.78 4.52
C VAL A 208 6.89 7.67 3.47
N SER A 209 8.06 7.12 3.18
CA SER A 209 8.16 6.06 2.20
C SER A 209 8.82 4.80 2.72
N GLY A 210 9.44 4.84 3.91
CA GLY A 210 10.14 3.67 4.45
C GLY A 210 10.34 3.80 5.94
N VAL A 211 10.60 2.64 6.59
CA VAL A 211 10.98 2.58 8.01
C VAL A 211 12.07 1.53 8.14
N ILE A 212 13.14 1.79 8.91
CA ILE A 212 14.38 0.98 8.77
C ILE A 212 14.68 0.00 9.92
N ASP A 213 14.84 0.47 11.12
CA ASP A 213 15.58 -0.29 12.15
C ASP A 213 14.60 -1.07 13.02
N TRP A 214 14.49 -2.39 12.84
CA TRP A 214 13.32 -3.13 13.34
C TRP A 214 13.58 -4.16 14.44
N SER A 215 14.74 -4.18 15.08
CA SER A 215 15.01 -5.27 16.03
C SER A 215 14.08 -5.23 17.24
N THR A 216 13.53 -4.06 17.58
CA THR A 216 12.77 -3.90 18.82
C THR A 216 11.29 -4.28 18.72
N ALA A 217 10.80 -4.62 17.54
CA ALA A 217 9.35 -4.75 17.34
C ALA A 217 8.74 -5.93 18.10
N HIS A 218 7.61 -5.68 18.74
CA HIS A 218 6.90 -6.66 19.57
C HIS A 218 5.57 -6.00 19.97
N ILE A 219 4.73 -6.74 20.71
CA ILE A 219 3.44 -6.19 21.18
C ILE A 219 3.63 -5.52 22.52
N ASP A 220 3.17 -4.27 22.64
CA ASP A 220 3.48 -3.46 23.83
C ASP A 220 2.57 -2.23 23.82
N ASP A 221 2.87 -1.27 24.71
CA ASP A 221 2.09 -0.05 24.86
C ASP A 221 2.21 0.80 23.59
N PRO A 222 1.11 1.14 22.93
CA PRO A 222 1.20 1.93 21.68
C PRO A 222 1.90 3.26 21.86
N ALA A 223 1.83 3.85 23.07
CA ALA A 223 2.45 5.16 23.30
C ALA A 223 3.95 5.12 23.03
N ILE A 224 4.57 3.95 23.16
CA ILE A 224 6.00 3.84 22.87
C ILE A 224 6.31 4.31 21.46
N ASP A 225 5.39 4.06 20.50
CA ASP A 225 5.60 4.47 19.11
C ASP A 225 5.27 5.92 18.83
N PHE A 226 4.81 6.68 19.85
CA PHE A 226 4.61 8.12 19.72
C PHE A 226 5.63 8.98 20.45
N ALA A 227 6.38 8.40 21.40
CA ALA A 227 7.30 9.16 22.25
C ALA A 227 8.45 9.74 21.45
N GLY A 228 9.00 8.99 20.49
CA GLY A 228 10.07 9.54 19.67
C GLY A 228 9.63 10.76 18.89
N HIS A 229 8.37 10.79 18.46
CA HIS A 229 7.87 11.96 17.75
C HIS A 229 7.83 13.19 18.67
N VAL A 230 7.24 13.07 19.86
CA VAL A 230 7.13 14.27 20.69
C VAL A 230 8.51 14.75 21.13
N THR A 231 9.47 13.83 21.31
CA THR A 231 10.81 14.22 21.74
C THR A 231 11.44 15.22 20.76
N LEU A 232 11.27 15.01 19.47
CA LEU A 232 11.91 15.87 18.47
C LEU A 232 11.01 16.93 17.86
N PHE A 233 9.68 16.74 17.90
CA PHE A 233 8.76 17.63 17.20
C PHE A 233 7.88 18.48 18.10
N GLY A 234 7.72 18.10 19.35
CA GLY A 234 7.01 18.93 20.30
C GLY A 234 5.56 18.53 20.49
N GLU A 235 4.96 19.12 21.51
CA GLU A 235 3.66 18.66 22.01
C GLU A 235 2.54 18.96 21.04
N GLU A 236 2.54 20.14 20.40
CA GLU A 236 1.43 20.41 19.48
C GLU A 236 1.49 19.49 18.26
N SER A 237 2.70 19.21 17.77
CA SER A 237 2.84 18.25 16.67
C SER A 237 2.31 16.88 17.07
N LEU A 238 2.64 16.45 18.29
CA LEU A 238 2.10 15.19 18.81
C LEU A 238 0.57 15.22 18.84
N LYS A 239 -0.02 16.34 19.26
CA LYS A 239 -1.47 16.39 19.29
C LYS A 239 -2.06 16.22 17.91
N THR A 240 -1.44 16.87 16.91
CA THR A 240 -1.93 16.73 15.55
C THR A 240 -1.77 15.31 15.04
N LEU A 241 -0.64 14.68 15.35
CA LEU A 241 -0.41 13.29 14.96
C LEU A 241 -1.46 12.36 15.57
N ILE A 242 -1.80 12.58 16.84
CA ILE A 242 -2.81 11.75 17.47
C ILE A 242 -4.15 11.94 16.76
N ILE A 243 -4.48 13.18 16.41
CA ILE A 243 -5.75 13.45 15.74
C ILE A 243 -5.80 12.74 14.37
N GLU A 244 -4.71 12.85 13.60
CA GLU A 244 -4.69 12.20 12.29
C GLU A 244 -4.74 10.68 12.42
N TYR A 245 -4.09 10.14 13.44
CA TYR A 245 -4.09 8.70 13.68
C TYR A 245 -5.49 8.20 14.01
N GLU A 246 -6.20 8.92 14.88
CA GLU A 246 -7.57 8.53 15.21
C GLU A 246 -8.48 8.63 13.99
N LYS A 247 -8.29 9.65 13.15
CA LYS A 247 -9.11 9.77 11.94
C LYS A 247 -9.02 8.52 11.08
N LEU A 248 -7.86 7.87 11.04
CA LEU A 248 -7.69 6.64 10.28
C LEU A 248 -8.28 5.42 10.98
N GLY A 249 -8.75 5.58 12.21
CA GLY A 249 -9.20 4.45 12.98
C GLY A 249 -8.17 3.91 13.97
N GLY A 250 -7.05 4.59 14.15
CA GLY A 250 -6.09 4.11 15.14
C GLY A 250 -6.70 4.13 16.54
N LYS A 251 -6.42 3.06 17.28
CA LYS A 251 -6.98 2.88 18.62
C LYS A 251 -6.31 3.83 19.62
N VAL A 252 -7.13 4.63 20.33
CA VAL A 252 -6.61 5.59 21.29
C VAL A 252 -7.31 5.43 22.64
N TRP A 253 -6.76 6.13 23.62
CA TRP A 253 -7.44 6.34 24.90
C TRP A 253 -7.23 7.79 25.28
N ASN A 254 -8.07 8.27 26.21
CA ASN A 254 -8.07 9.70 26.49
C ASN A 254 -6.71 10.21 26.93
N LYS A 255 -5.90 9.38 27.56
CA LYS A 255 -4.62 9.83 28.08
C LYS A 255 -3.44 9.43 27.19
N LEU A 256 -3.67 9.08 25.92
CA LEU A 256 -2.53 8.68 25.08
C LEU A 256 -1.50 9.81 25.01
N TYR A 257 -1.95 11.05 24.93
CA TYR A 257 -1.01 12.17 24.88
C TYR A 257 -0.16 12.21 26.14
N GLU A 258 -0.81 12.16 27.30
CA GLU A 258 -0.06 12.23 28.56
C GLU A 258 0.86 11.02 28.73
N GLN A 259 0.39 9.84 28.35
CA GLN A 259 1.23 8.66 28.44
C GLN A 259 2.44 8.78 27.53
N THR A 260 2.26 9.38 26.36
CA THR A 260 3.38 9.55 25.45
C THR A 260 4.45 10.46 26.06
N LEU A 261 4.03 11.53 26.73
CA LEU A 261 5.00 12.40 27.37
C LEU A 261 5.80 11.63 28.42
N GLU A 262 5.14 10.78 29.21
CA GLU A 262 5.87 10.05 30.23
C GLU A 262 6.83 9.05 29.60
N ARG A 263 6.41 8.40 28.50
CA ARG A 263 7.29 7.49 27.79
C ARG A 263 8.52 8.22 27.27
N ALA A 264 8.32 9.42 26.71
CA ALA A 264 9.47 10.21 26.26
C ALA A 264 10.41 10.51 27.42
N ALA A 265 9.85 10.87 28.57
CA ALA A 265 10.65 11.20 29.73
C ALA A 265 11.35 9.97 30.32
N ALA A 266 10.86 8.76 30.03
CA ALA A 266 11.45 7.53 30.55
C ALA A 266 12.63 7.05 29.71
N SER A 267 13.03 7.82 28.71
CA SER A 267 14.12 7.42 27.85
C SER A 267 15.37 7.03 28.62
N PRO A 268 15.82 7.80 29.60
CA PRO A 268 17.01 7.40 30.34
C PRO A 268 16.88 6.07 31.06
N LEU A 269 15.69 5.78 31.60
CA LEU A 269 15.47 4.49 32.25
C LEU A 269 15.59 3.37 31.25
N MET A 270 14.99 3.54 30.07
CA MET A 270 15.07 2.50 29.04
C MET A 270 16.50 2.32 28.55
N TYR A 271 17.25 3.42 28.44
CA TYR A 271 18.64 3.33 28.03
C TYR A 271 19.47 2.61 29.10
N GLY A 272 19.25 2.94 30.38
CA GLY A 272 19.95 2.24 31.43
C GLY A 272 19.66 0.75 31.43
N LEU A 273 18.39 0.37 31.25
CA LEU A 273 18.04 -1.04 31.19
C LEU A 273 18.72 -1.72 30.01
N PHE A 274 18.66 -1.10 28.84
CA PHE A 274 19.31 -1.67 27.65
C PHE A 274 20.81 -1.83 27.88
N ALA A 275 21.46 -0.80 28.42
CA ALA A 275 22.91 -0.87 28.63
C ALA A 275 23.28 -2.01 29.57
N LEU A 276 22.52 -2.17 30.66
CA LEU A 276 22.80 -3.27 31.59
C LEU A 276 22.64 -4.63 30.93
N GLU A 277 21.61 -4.80 30.09
CA GLU A 277 21.40 -6.08 29.41
C GLU A 277 22.56 -6.40 28.47
N THR A 278 23.08 -5.39 27.77
CA THR A 278 24.24 -5.64 26.90
C THR A 278 25.46 -6.03 27.73
N GLN A 279 25.57 -5.51 28.94
CA GLN A 279 26.74 -5.71 29.79
C GLN A 279 27.96 -4.96 29.26
N ASN A 280 27.73 -3.94 28.44
CA ASN A 280 28.79 -3.16 27.82
C ASN A 280 29.04 -1.91 28.65
N GLU A 281 30.28 -1.75 29.13
CA GLU A 281 30.58 -0.68 30.11
C GLU A 281 30.41 0.70 29.49
N SER A 282 30.95 0.90 28.30
CA SER A 282 30.76 2.18 27.61
C SER A 282 29.29 2.58 27.54
N LEU A 283 28.40 1.63 27.22
CA LEU A 283 26.97 1.95 27.20
C LEU A 283 26.46 2.28 28.59
N ILE A 284 26.88 1.51 29.60
CA ILE A 284 26.41 1.76 30.96
C ILE A 284 26.83 3.16 31.42
N VAL A 285 28.05 3.58 31.05
CA VAL A 285 28.52 4.92 31.40
C VAL A 285 27.65 5.98 30.74
N GLY A 286 27.33 5.81 29.45
CA GLY A 286 26.46 6.77 28.79
C GLY A 286 25.09 6.86 29.44
N ALA A 287 24.53 5.71 29.83
CA ALA A 287 23.24 5.72 30.50
C ALA A 287 23.32 6.45 31.83
N LYS A 288 24.37 6.15 32.61
CA LYS A 288 24.51 6.78 33.91
C LYS A 288 24.55 8.30 33.80
N ALA A 289 25.14 8.83 32.72
CA ALA A 289 25.09 10.27 32.45
C ALA A 289 23.65 10.79 32.38
N GLN A 290 22.78 10.09 31.65
CA GLN A 290 21.42 10.56 31.43
C GLN A 290 20.55 10.38 32.68
N LEU A 291 20.93 9.49 33.58
CA LEU A 291 20.22 9.22 34.82
C LEU A 291 20.49 10.23 35.92
N GLY A 292 21.43 11.15 35.74
CA GLY A 292 21.62 12.21 36.72
C GLY A 292 22.24 11.78 38.03
N VAL A 293 23.00 10.70 38.04
CA VAL A 293 23.42 10.07 39.31
C VAL A 293 24.51 10.86 40.03
N MET B 1 -20.47 -25.32 -21.45
CA MET B 1 -19.34 -26.19 -21.13
C MET B 1 -19.62 -27.05 -19.91
N THR B 2 -19.25 -28.32 -19.97
CA THR B 2 -19.46 -29.18 -18.82
C THR B 2 -18.34 -29.00 -17.80
N ILE B 3 -18.59 -29.48 -16.59
CA ILE B 3 -17.55 -29.50 -15.57
C ILE B 3 -16.36 -30.32 -16.03
N GLN B 4 -16.62 -31.47 -16.66
CA GLN B 4 -15.49 -32.26 -17.16
C GLN B 4 -14.70 -31.51 -18.23
N ASP B 5 -15.38 -30.74 -19.09
CA ASP B 5 -14.65 -29.95 -20.07
C ASP B 5 -13.70 -28.98 -19.39
N ILE B 6 -14.18 -28.31 -18.34
CA ILE B 6 -13.34 -27.35 -17.63
C ILE B 6 -12.20 -28.07 -16.92
N GLN B 7 -12.48 -29.19 -16.26
CA GLN B 7 -11.39 -29.95 -15.65
C GLN B 7 -10.35 -30.33 -16.69
N SER B 8 -10.78 -30.74 -17.88
CA SER B 8 -9.80 -31.14 -18.90
C SER B 8 -8.98 -29.94 -19.37
N LEU B 9 -9.62 -28.80 -19.57
CA LEU B 9 -8.89 -27.59 -19.97
C LEU B 9 -7.87 -27.20 -18.92
N ALA B 10 -8.28 -27.21 -17.63
CA ALA B 10 -7.35 -26.86 -16.57
C ALA B 10 -6.21 -27.86 -16.47
N GLU B 11 -6.53 -29.15 -16.60
CA GLU B 11 -5.49 -30.17 -16.51
C GLU B 11 -4.46 -30.02 -17.63
N ALA B 12 -4.90 -29.58 -18.81
CA ALA B 12 -3.95 -29.33 -19.89
C ALA B 12 -2.98 -28.21 -19.55
N HIS B 13 -3.34 -27.37 -18.56
CA HIS B 13 -2.50 -26.29 -18.08
C HIS B 13 -1.96 -26.57 -16.68
N GLY B 14 -1.83 -27.85 -16.29
CA GLY B 14 -1.16 -28.19 -15.05
C GLY B 14 -1.96 -27.89 -13.80
N LEU B 15 -3.26 -27.66 -13.92
CA LEU B 15 -4.12 -27.30 -12.79
C LEU B 15 -5.17 -28.40 -12.62
N LEU B 16 -5.12 -29.10 -11.49
CA LEU B 16 -5.98 -30.25 -11.25
C LEU B 16 -7.18 -29.82 -10.40
N LEU B 17 -8.38 -29.82 -10.99
CA LEU B 17 -9.56 -29.22 -10.38
C LEU B 17 -10.50 -30.30 -9.85
N THR B 18 -11.11 -30.03 -8.69
CA THR B 18 -12.24 -30.82 -8.24
C THR B 18 -13.43 -30.57 -9.14
N ASP B 19 -14.52 -31.34 -8.95
CA ASP B 19 -15.75 -31.07 -9.69
C ASP B 19 -16.61 -30.01 -9.04
N LYS B 20 -16.09 -29.28 -8.05
CA LYS B 20 -16.87 -28.25 -7.36
C LYS B 20 -16.61 -26.90 -8.06
N MET B 21 -17.59 -26.42 -8.82
CA MET B 21 -17.39 -25.13 -9.47
C MET B 21 -18.73 -24.47 -9.73
N ASN B 22 -18.67 -23.15 -9.91
CA ASN B 22 -19.84 -22.41 -10.35
C ASN B 22 -19.40 -21.38 -11.39
N PHE B 23 -20.36 -20.88 -12.16
CA PHE B 23 -20.06 -20.13 -13.37
C PHE B 23 -20.58 -18.71 -13.28
N ASN B 24 -19.83 -17.78 -13.84
CA ASN B 24 -20.22 -16.39 -13.94
C ASN B 24 -20.17 -16.01 -15.42
N GLU B 25 -21.30 -15.58 -15.96
CA GLU B 25 -21.39 -15.23 -17.36
C GLU B 25 -21.50 -13.72 -17.53
N MET B 26 -21.23 -12.94 -16.49
CA MET B 26 -21.27 -11.48 -16.54
C MET B 26 -20.34 -10.86 -17.59
N GLY B 27 -19.17 -11.48 -17.85
CA GLY B 27 -18.19 -10.89 -18.71
C GLY B 27 -18.46 -11.14 -20.18
N ILE B 28 -18.11 -10.12 -20.99
CA ILE B 28 -18.18 -10.20 -22.45
C ILE B 28 -16.97 -10.93 -23.05
N ASP B 29 -15.78 -10.76 -22.45
CA ASP B 29 -14.55 -11.30 -23.02
C ASP B 29 -14.26 -12.73 -22.57
N PHE B 30 -14.57 -13.06 -21.33
CA PHE B 30 -14.20 -14.35 -20.77
C PHE B 30 -15.37 -14.97 -20.04
N LYS B 31 -15.55 -16.27 -20.24
CA LYS B 31 -16.37 -17.05 -19.34
C LYS B 31 -15.61 -17.25 -18.04
N VAL B 32 -16.26 -17.05 -16.91
CA VAL B 32 -15.58 -17.12 -15.63
C VAL B 32 -16.05 -18.37 -14.88
N VAL B 33 -15.11 -19.05 -14.25
CA VAL B 33 -15.42 -20.22 -13.45
C VAL B 33 -14.79 -20.00 -12.08
N PHE B 34 -15.58 -20.20 -11.03
CA PHE B 34 -15.05 -20.29 -9.68
C PHE B 34 -14.76 -21.76 -9.43
N ALA B 35 -13.49 -22.09 -9.28
CA ALA B 35 -13.07 -23.47 -9.21
C ALA B 35 -12.25 -23.70 -7.95
N LEU B 36 -11.95 -24.97 -7.70
CA LEU B 36 -11.29 -25.41 -6.49
C LEU B 36 -10.36 -26.56 -6.84
N ASP B 37 -9.07 -26.40 -6.61
CA ASP B 37 -8.15 -27.46 -7.01
C ASP B 37 -8.08 -28.52 -5.91
N THR B 38 -7.45 -29.65 -6.24
CA THR B 38 -7.44 -30.82 -5.37
C THR B 38 -6.53 -30.64 -4.18
N LYS B 39 -5.80 -29.54 -4.12
CA LYS B 39 -5.08 -29.15 -2.92
C LYS B 39 -5.84 -28.17 -2.06
N GLY B 40 -7.06 -27.78 -2.45
CA GLY B 40 -7.88 -26.89 -1.64
C GLY B 40 -7.79 -25.41 -1.95
N GLN B 41 -7.04 -25.03 -2.98
CA GLN B 41 -6.93 -23.63 -3.37
C GLN B 41 -8.08 -23.23 -4.29
N GLN B 42 -8.69 -22.08 -4.01
CA GLN B 42 -9.75 -21.55 -4.85
C GLN B 42 -9.17 -20.77 -6.02
N TRP B 43 -9.68 -21.03 -7.22
CA TRP B 43 -9.15 -20.47 -8.45
C TRP B 43 -10.23 -19.69 -9.20
N LEU B 44 -9.81 -18.62 -9.86
CA LEU B 44 -10.67 -17.89 -10.79
C LEU B 44 -10.20 -18.21 -12.20
N LEU B 45 -11.07 -18.83 -13.00
CA LEU B 45 -10.75 -19.17 -14.38
C LEU B 45 -11.42 -18.14 -15.28
N ARG B 46 -10.65 -17.66 -16.26
CA ARG B 46 -11.21 -16.76 -17.31
C ARG B 46 -10.92 -17.45 -18.64
N ILE B 47 -11.94 -17.89 -19.32
CA ILE B 47 -11.83 -18.67 -20.55
C ILE B 47 -12.27 -17.80 -21.71
N PRO B 48 -11.39 -17.53 -22.68
CA PRO B 48 -11.73 -16.60 -23.77
C PRO B 48 -12.97 -17.06 -24.53
N ARG B 49 -13.91 -16.14 -24.76
CA ARG B 49 -15.13 -16.48 -25.48
C ARG B 49 -14.96 -16.41 -26.99
N ARG B 50 -13.92 -15.71 -27.47
CA ARG B 50 -13.73 -15.44 -28.89
C ARG B 50 -12.33 -15.87 -29.29
N ASP B 51 -12.16 -16.15 -30.58
CA ASP B 51 -10.85 -16.47 -31.10
C ASP B 51 -10.00 -15.21 -31.22
N GLY B 52 -8.69 -15.42 -31.30
CA GLY B 52 -7.78 -14.30 -31.54
C GLY B 52 -7.68 -13.32 -30.39
N MET B 53 -7.72 -13.80 -29.15
CA MET B 53 -7.56 -12.92 -27.99
C MET B 53 -6.15 -12.99 -27.41
N ARG B 54 -5.20 -13.63 -28.10
CA ARG B 54 -3.86 -13.77 -27.54
C ARG B 54 -3.24 -12.42 -27.22
N GLU B 55 -3.34 -11.47 -28.15
CA GLU B 55 -2.69 -10.19 -27.90
C GLU B 55 -3.30 -9.49 -26.68
N GLN B 56 -4.62 -9.56 -26.55
CA GLN B 56 -5.28 -8.90 -25.43
C GLN B 56 -4.95 -9.59 -24.10
N ILE B 57 -4.77 -10.91 -24.12
CA ILE B 57 -4.39 -11.63 -22.88
C ILE B 57 -2.97 -11.20 -22.48
N LYS B 58 -2.08 -11.14 -23.47
CA LYS B 58 -0.67 -10.80 -23.21
C LYS B 58 -0.55 -9.34 -22.71
N LYS B 59 -1.40 -8.45 -23.24
CA LYS B 59 -1.39 -7.03 -22.80
C LYS B 59 -1.91 -6.94 -21.36
N GLU B 60 -3.01 -7.63 -21.08
CA GLU B 60 -3.52 -7.54 -19.71
C GLU B 60 -2.52 -8.11 -18.72
N LYS B 61 -1.81 -9.17 -19.10
CA LYS B 61 -0.77 -9.71 -18.23
C LYS B 61 0.26 -8.65 -17.90
N ARG B 62 0.73 -7.90 -18.91
CA ARG B 62 1.67 -6.81 -18.70
C ARG B 62 1.08 -5.70 -17.84
N ILE B 63 -0.18 -5.34 -18.12
CA ILE B 63 -0.82 -4.29 -17.32
C ILE B 63 -0.82 -4.67 -15.85
N LEU B 64 -1.16 -5.92 -15.54
CA LEU B 64 -1.25 -6.35 -14.16
C LEU B 64 0.13 -6.32 -13.50
N GLU B 65 1.16 -6.72 -14.23
CA GLU B 65 2.50 -6.66 -13.65
C GLU B 65 2.91 -5.22 -13.37
N LEU B 66 2.45 -4.27 -14.18
CA LEU B 66 2.76 -2.88 -13.91
C LEU B 66 1.97 -2.35 -12.71
N VAL B 67 0.64 -2.55 -12.71
CA VAL B 67 -0.17 -1.87 -11.70
C VAL B 67 0.05 -2.47 -10.32
N LYS B 68 0.37 -3.77 -10.23
CA LYS B 68 0.40 -4.38 -8.90
C LYS B 68 1.50 -3.76 -8.04
N LYS B 69 2.55 -3.23 -8.68
CA LYS B 69 3.62 -2.52 -8.00
C LYS B 69 3.20 -1.18 -7.45
N HIS B 70 2.11 -0.60 -7.98
CA HIS B 70 1.73 0.78 -7.60
C HIS B 70 0.41 0.84 -6.82
N LEU B 71 -0.28 -0.28 -6.63
CA LEU B 71 -1.61 -0.20 -6.00
C LEU B 71 -1.62 -0.88 -4.63
N SER B 72 -2.17 -0.21 -3.61
CA SER B 72 -2.31 -0.82 -2.27
C SER B 72 -3.28 -2.02 -2.36
N VAL B 73 -4.35 -1.88 -3.13
CA VAL B 73 -5.39 -2.95 -3.28
C VAL B 73 -4.88 -4.14 -4.10
N GLU B 74 -5.47 -5.31 -3.89
CA GLU B 74 -5.10 -6.53 -4.66
C GLU B 74 -5.54 -6.44 -6.12
N VAL B 75 -4.78 -7.05 -7.02
CA VAL B 75 -5.18 -7.18 -8.44
C VAL B 75 -4.95 -8.65 -8.78
N PRO B 76 -5.60 -9.24 -9.80
CA PRO B 76 -5.45 -10.67 -10.03
C PRO B 76 -3.98 -11.03 -10.26
N ASP B 77 -3.54 -12.12 -9.62
CA ASP B 77 -2.15 -12.58 -9.83
C ASP B 77 -2.24 -13.75 -10.80
N TRP B 78 -1.89 -13.51 -12.07
CA TRP B 78 -2.08 -14.57 -13.08
C TRP B 78 -1.05 -15.67 -12.90
N ARG B 79 -1.48 -16.93 -12.89
CA ARG B 79 -0.50 -18.05 -12.86
C ARG B 79 -0.57 -18.80 -14.20
N ILE B 80 -1.72 -18.72 -14.89
CA ILE B 80 -1.88 -19.35 -16.23
C ILE B 80 -2.32 -18.23 -17.19
N SER B 81 -1.60 -18.04 -18.28
CA SER B 81 -1.87 -16.89 -19.20
C SER B 81 -1.95 -17.34 -20.67
N SER B 82 -2.38 -18.57 -20.94
CA SER B 82 -2.41 -19.14 -22.32
C SER B 82 -3.53 -18.51 -23.14
N THR B 83 -3.47 -18.68 -24.46
CA THR B 83 -4.59 -18.21 -25.31
C THR B 83 -5.84 -18.99 -24.90
N GLU B 84 -5.70 -20.29 -24.62
CA GLU B 84 -6.84 -21.14 -24.13
C GLU B 84 -7.35 -20.75 -22.73
N LEU B 85 -6.45 -20.45 -21.78
CA LEU B 85 -6.94 -20.22 -20.39
C LEU B 85 -6.19 -19.13 -19.61
N VAL B 86 -6.92 -18.40 -18.77
CA VAL B 86 -6.29 -17.42 -17.83
C VAL B 86 -6.72 -17.89 -16.43
N ALA B 87 -5.80 -18.08 -15.50
CA ALA B 87 -6.22 -18.46 -14.14
C ALA B 87 -5.45 -17.69 -13.06
N TYR B 88 -6.15 -17.29 -12.01
CA TYR B 88 -5.48 -16.66 -10.84
C TYR B 88 -6.17 -17.14 -9.56
N PRO B 89 -5.47 -17.14 -8.41
CA PRO B 89 -6.11 -17.49 -7.15
C PRO B 89 -7.21 -16.44 -6.86
N ILE B 90 -8.34 -16.90 -6.31
CA ILE B 90 -9.47 -15.98 -6.04
C ILE B 90 -8.97 -14.87 -5.12
N LEU B 91 -9.44 -13.64 -5.35
CA LEU B 91 -9.05 -12.53 -4.49
C LEU B 91 -9.86 -12.59 -3.19
N LYS B 92 -9.51 -11.71 -2.24
CA LYS B 92 -10.02 -11.84 -0.88
C LYS B 92 -11.52 -11.58 -0.79
N ASP B 93 -12.01 -10.51 -1.42
CA ASP B 93 -13.36 -10.01 -1.16
C ASP B 93 -14.26 -10.15 -2.38
N ASN B 94 -15.57 -10.11 -2.12
CA ASN B 94 -16.56 -10.14 -3.20
C ASN B 94 -16.67 -8.77 -3.88
N PRO B 95 -17.09 -8.75 -5.15
CA PRO B 95 -17.36 -7.47 -5.81
C PRO B 95 -18.47 -6.73 -5.09
N VAL B 96 -18.47 -5.41 -5.27
CA VAL B 96 -19.50 -4.57 -4.67
C VAL B 96 -20.87 -5.00 -5.17
N LEU B 97 -20.96 -5.40 -6.44
CA LEU B 97 -22.21 -5.90 -6.98
C LEU B 97 -21.94 -7.04 -7.95
N ASN B 98 -22.97 -7.85 -8.12
CA ASN B 98 -23.01 -8.98 -9.04
C ASN B 98 -24.30 -8.91 -9.84
N LEU B 99 -24.40 -9.78 -10.84
CA LEU B 99 -25.66 -10.06 -11.49
C LEU B 99 -26.11 -11.45 -11.05
N ASP B 100 -27.41 -11.59 -10.77
CA ASP B 100 -27.92 -12.90 -10.40
C ASP B 100 -27.75 -13.85 -11.57
N ALA B 101 -27.12 -15.00 -11.33
CA ALA B 101 -26.80 -15.90 -12.42
C ALA B 101 -28.08 -16.30 -13.16
N GLU B 102 -29.14 -16.55 -12.40
CA GLU B 102 -30.43 -16.87 -12.99
C GLU B 102 -31.12 -15.63 -13.54
N THR B 103 -31.34 -14.65 -12.68
CA THR B 103 -32.18 -13.52 -13.04
C THR B 103 -31.42 -12.54 -13.93
N TYR B 104 -30.09 -12.51 -13.82
CA TYR B 104 -29.24 -11.54 -14.51
C TYR B 104 -29.42 -10.14 -13.98
N GLU B 105 -29.93 -10.04 -12.76
CA GLU B 105 -30.34 -8.77 -12.21
C GLU B 105 -29.31 -8.31 -11.19
N ILE B 106 -29.18 -6.99 -11.01
CA ILE B 106 -28.14 -6.47 -10.13
C ILE B 106 -28.40 -6.90 -8.70
N ILE B 107 -27.37 -7.48 -8.07
CA ILE B 107 -27.38 -7.79 -6.64
C ILE B 107 -26.28 -6.98 -5.98
N TRP B 108 -26.64 -6.17 -5.00
CA TRP B 108 -25.67 -5.38 -4.26
C TRP B 108 -25.14 -6.22 -3.10
N ASN B 109 -23.82 -6.36 -3.02
CA ASN B 109 -23.18 -7.06 -1.91
C ASN B 109 -22.74 -6.12 -0.81
N MET B 110 -22.90 -4.82 -1.02
CA MET B 110 -22.63 -3.83 0.00
C MET B 110 -23.75 -2.79 -0.06
N ASP B 111 -23.96 -2.07 1.04
CA ASP B 111 -24.88 -0.94 1.00
C ASP B 111 -24.31 0.15 0.11
N LYS B 112 -25.09 0.61 -0.87
CA LYS B 112 -24.53 1.55 -1.84
C LYS B 112 -24.12 2.86 -1.19
N ASP B 113 -24.74 3.23 -0.07
CA ASP B 113 -24.41 4.48 0.59
C ASP B 113 -23.21 4.39 1.52
N SER B 114 -22.47 3.28 1.51
CA SER B 114 -21.39 3.13 2.47
C SER B 114 -20.36 4.26 2.34
N PRO B 115 -20.09 5.01 3.41
CA PRO B 115 -19.10 6.10 3.30
C PRO B 115 -17.68 5.60 3.07
N LYS B 116 -17.34 4.44 3.62
CA LYS B 116 -16.02 3.84 3.44
C LYS B 116 -15.72 3.54 1.98
N TYR B 117 -16.75 3.18 1.21
CA TYR B 117 -16.54 2.93 -0.21
C TYR B 117 -16.03 4.18 -0.90
N ILE B 118 -16.61 5.34 -0.57
CA ILE B 118 -16.22 6.56 -1.28
C ILE B 118 -14.79 6.95 -0.95
N THR B 119 -14.43 6.91 0.33
CA THR B 119 -13.08 7.32 0.69
C THR B 119 -12.05 6.34 0.16
N SER B 120 -12.35 5.03 0.20
CA SER B 120 -11.36 4.06 -0.27
C SER B 120 -11.33 3.97 -1.80
N LEU B 121 -12.47 4.12 -2.47
CA LEU B 121 -12.42 4.21 -3.94
C LEU B 121 -11.63 5.44 -4.36
N ALA B 122 -11.80 6.57 -3.67
CA ALA B 122 -11.03 7.75 -4.00
C ALA B 122 -9.53 7.47 -3.90
N LYS B 123 -9.11 6.74 -2.87
CA LYS B 123 -7.70 6.40 -2.71
C LYS B 123 -7.22 5.51 -3.86
N THR B 124 -7.99 4.49 -4.22
CA THR B 124 -7.59 3.63 -5.33
C THR B 124 -7.51 4.41 -6.64
N LEU B 125 -8.48 5.30 -6.88
CA LEU B 125 -8.42 6.12 -8.09
C LEU B 125 -7.16 6.95 -8.13
N PHE B 126 -6.79 7.55 -6.99
CA PHE B 126 -5.58 8.34 -6.93
C PHE B 126 -4.36 7.51 -7.30
N GLU B 127 -4.26 6.30 -6.76
CA GLU B 127 -3.10 5.46 -7.00
C GLU B 127 -3.01 5.02 -8.46
N ILE B 128 -4.14 4.61 -9.04
CA ILE B 128 -4.13 4.25 -10.46
C ILE B 128 -3.65 5.42 -11.29
N HIS B 129 -4.20 6.61 -11.03
CA HIS B 129 -3.91 7.77 -11.87
C HIS B 129 -2.54 8.34 -11.62
N SER B 130 -1.84 7.91 -10.56
CA SER B 130 -0.48 8.31 -10.26
C SER B 130 0.58 7.53 -11.03
N ILE B 131 0.20 6.43 -11.68
CA ILE B 131 1.23 5.61 -12.32
C ILE B 131 1.94 6.40 -13.40
N PRO B 132 3.28 6.47 -13.39
CA PRO B 132 3.99 7.38 -14.30
C PRO B 132 3.83 7.02 -15.77
N GLU B 133 3.69 8.05 -16.60
CA GLU B 133 3.57 7.84 -18.04
C GLU B 133 4.79 7.11 -18.59
N LYS B 134 5.97 7.36 -18.04
CA LYS B 134 7.17 6.70 -18.55
C LYS B 134 7.03 5.19 -18.48
N GLU B 135 6.50 4.68 -17.37
CA GLU B 135 6.30 3.24 -17.22
C GLU B 135 5.22 2.74 -18.18
N VAL B 136 4.19 3.55 -18.41
CA VAL B 136 3.15 3.14 -19.36
C VAL B 136 3.75 2.98 -20.74
N ARG B 137 4.55 3.93 -21.20
CA ARG B 137 5.12 3.81 -22.53
C ARG B 137 6.06 2.62 -22.60
N GLU B 138 6.85 2.41 -21.56
CA GLU B 138 7.77 1.26 -21.52
C GLU B 138 7.02 -0.06 -21.65
N ASN B 139 5.78 -0.11 -21.19
CA ASN B 139 4.95 -1.30 -21.33
C ASN B 139 4.13 -1.28 -22.62
N ASP B 140 4.36 -0.31 -23.50
CA ASP B 140 3.75 -0.30 -24.83
C ASP B 140 2.23 -0.23 -24.75
N LEU B 141 1.71 0.47 -23.75
CA LEU B 141 0.27 0.74 -23.66
C LEU B 141 -0.09 2.02 -24.40
N LYS B 142 -1.32 2.07 -24.90
CA LYS B 142 -1.75 3.24 -25.65
C LYS B 142 -1.73 4.48 -24.76
N ILE B 143 -1.24 5.59 -25.31
CA ILE B 143 -1.18 6.85 -24.60
C ILE B 143 -1.93 7.87 -25.43
N MET B 144 -3.06 8.33 -24.92
CA MET B 144 -3.87 9.33 -25.59
C MET B 144 -3.56 10.69 -24.99
N LYS B 145 -3.23 11.64 -25.85
CA LYS B 145 -2.99 13.02 -25.45
C LYS B 145 -4.30 13.81 -25.39
N PRO B 146 -4.34 14.88 -24.62
CA PRO B 146 -5.55 15.71 -24.61
C PRO B 146 -6.01 16.13 -26.00
N SER B 147 -5.08 16.51 -26.88
CA SER B 147 -5.43 16.90 -28.24
C SER B 147 -5.97 15.74 -29.08
N ASP B 148 -5.72 14.49 -28.65
CA ASP B 148 -6.21 13.34 -29.41
C ASP B 148 -7.67 13.01 -29.13
N LEU B 149 -8.22 13.41 -27.97
CA LEU B 149 -9.46 12.78 -27.52
C LEU B 149 -10.65 13.13 -28.40
N ARG B 150 -10.86 14.42 -28.69
CA ARG B 150 -12.09 14.81 -29.38
C ARG B 150 -12.11 14.39 -30.85
N PRO B 151 -11.03 14.56 -31.60
CA PRO B 151 -11.04 14.03 -32.97
C PRO B 151 -11.29 12.54 -33.03
N GLU B 152 -10.76 11.78 -32.06
CA GLU B 152 -10.99 10.34 -32.04
C GLU B 152 -12.47 10.03 -31.83
N ILE B 153 -13.10 10.66 -30.85
CA ILE B 153 -14.51 10.39 -30.57
C ILE B 153 -15.36 10.75 -31.78
N ALA B 154 -15.01 11.84 -32.47
CA ALA B 154 -15.74 12.21 -33.68
C ALA B 154 -15.67 11.11 -34.73
N ASN B 155 -14.49 10.56 -34.94
CA ASN B 155 -14.37 9.42 -35.86
C ASN B 155 -15.21 8.25 -35.41
N ASN B 156 -15.27 8.00 -34.09
CA ASN B 156 -16.00 6.83 -33.61
C ASN B 156 -17.50 6.91 -33.93
N LEU B 157 -18.12 8.08 -33.70
CA LEU B 157 -19.55 8.20 -33.99
C LEU B 157 -19.84 7.97 -35.46
N GLN B 158 -19.01 8.55 -36.34
CA GLN B 158 -19.22 8.38 -37.76
C GLN B 158 -19.10 6.91 -38.16
N LEU B 159 -18.13 6.20 -37.59
CA LEU B 159 -17.99 4.78 -37.88
C LEU B 159 -19.20 4.01 -37.38
N VAL B 160 -19.63 4.30 -36.15
CA VAL B 160 -20.77 3.58 -35.57
C VAL B 160 -22.04 3.90 -36.33
N LYS B 161 -22.24 5.18 -36.68
CA LYS B 161 -23.45 5.56 -37.41
C LYS B 161 -23.54 4.84 -38.75
N SER B 162 -22.41 4.81 -39.47
CA SER B 162 -22.39 4.12 -40.77
C SER B 162 -22.61 2.62 -40.55
N GLU B 163 -21.67 1.96 -39.86
CA GLU B 163 -21.77 0.48 -39.71
C GLU B 163 -22.99 0.01 -38.91
N ILE B 164 -23.31 0.64 -37.79
CA ILE B 164 -24.42 0.11 -36.94
C ILE B 164 -25.62 1.06 -36.97
N GLY B 165 -25.37 2.37 -37.04
CA GLY B 165 -26.45 3.36 -36.99
C GLY B 165 -26.63 3.88 -35.58
N ILE B 166 -27.22 5.06 -35.44
CA ILE B 166 -27.40 5.68 -34.10
C ILE B 166 -28.73 6.43 -34.04
N SER B 167 -29.30 6.56 -32.85
CA SER B 167 -30.52 7.39 -32.69
C SER B 167 -30.13 8.84 -32.91
N GLU B 168 -31.06 9.65 -33.43
CA GLU B 168 -30.76 11.08 -33.66
C GLU B 168 -30.46 11.70 -32.30
N GLN B 169 -31.21 11.32 -31.28
CA GLN B 169 -31.00 11.94 -29.96
C GLN B 169 -29.59 11.65 -29.44
N LEU B 170 -29.14 10.40 -29.56
CA LEU B 170 -27.76 10.06 -29.14
C LEU B 170 -26.74 10.80 -30.01
N GLU B 171 -26.96 10.83 -31.32
CA GLU B 171 -25.97 11.46 -32.22
C GLU B 171 -25.88 12.94 -31.87
N THR B 172 -27.04 13.56 -31.64
CA THR B 172 -27.05 15.01 -31.34
C THR B 172 -26.31 15.24 -30.03
N ARG B 173 -26.60 14.41 -29.03
CA ARG B 173 -25.99 14.57 -27.68
C ARG B 173 -24.46 14.41 -27.76
N TYR B 174 -23.97 13.43 -28.52
CA TYR B 174 -22.51 13.18 -28.64
C TYR B 174 -21.85 14.35 -29.37
N ARG B 175 -22.51 14.82 -30.42
CA ARG B 175 -21.91 15.93 -31.21
C ARG B 175 -21.79 17.15 -30.31
N LYS B 176 -22.83 17.43 -29.54
CA LYS B 176 -22.83 18.61 -28.65
C LYS B 176 -21.69 18.46 -27.63
N TRP B 177 -21.50 17.24 -27.11
CA TRP B 177 -20.44 16.98 -26.11
C TRP B 177 -19.06 17.24 -26.71
N LEU B 178 -18.85 16.78 -27.94
CA LEU B 178 -17.54 17.02 -28.63
C LEU B 178 -17.40 18.52 -28.81
N ASP B 179 -18.52 19.18 -29.12
CA ASP B 179 -18.55 20.66 -29.30
C ASP B 179 -18.17 21.40 -28.03
N ASN B 180 -18.55 20.91 -26.84
CA ASN B 180 -18.34 21.75 -25.64
C ASN B 180 -16.90 21.64 -25.15
N ASP B 181 -16.12 22.70 -25.36
CA ASP B 181 -14.68 22.74 -24.97
C ASP B 181 -14.47 22.67 -23.47
N VAL B 182 -15.32 23.32 -22.67
CA VAL B 182 -15.07 23.49 -21.21
C VAL B 182 -14.99 22.13 -20.51
N LEU B 183 -15.80 21.16 -20.93
CA LEU B 183 -15.85 19.83 -20.25
C LEU B 183 -14.48 19.15 -20.34
N TRP B 184 -13.77 19.27 -21.47
CA TRP B 184 -12.51 18.50 -21.68
C TRP B 184 -11.30 19.03 -20.91
N ALA B 185 -10.58 18.16 -20.19
CA ALA B 185 -9.38 18.50 -19.43
C ALA B 185 -8.17 18.65 -20.35
N ASP B 186 -7.16 19.35 -19.86
CA ASP B 186 -5.92 19.56 -20.60
C ASP B 186 -4.81 18.57 -20.26
N PHE B 187 -5.14 17.47 -19.59
CA PHE B 187 -4.16 16.44 -19.24
C PHE B 187 -4.82 15.08 -19.34
N THR B 188 -3.98 14.04 -19.50
CA THR B 188 -4.45 12.67 -19.46
C THR B 188 -3.60 11.88 -18.48
N GLN B 189 -4.19 10.80 -17.95
CA GLN B 189 -3.52 10.00 -16.93
C GLN B 189 -3.80 8.53 -17.19
N PHE B 190 -2.98 7.68 -16.55
CA PHE B 190 -3.23 6.24 -16.60
C PHE B 190 -4.55 5.94 -15.90
N ILE B 191 -5.44 5.22 -16.59
CA ILE B 191 -6.75 4.88 -16.07
C ILE B 191 -6.98 3.39 -16.22
N HIS B 192 -7.87 2.87 -15.37
CA HIS B 192 -8.30 1.48 -15.50
C HIS B 192 -9.09 1.26 -16.79
N GLY B 193 -10.01 2.17 -17.09
CA GLY B 193 -10.67 2.21 -18.38
C GLY B 193 -11.96 1.42 -18.49
N ASP B 194 -12.27 0.58 -17.51
CA ASP B 194 -13.52 -0.19 -17.45
C ASP B 194 -13.98 -0.30 -16.02
N LEU B 195 -13.86 0.79 -15.27
CA LEU B 195 -14.02 0.78 -13.83
C LEU B 195 -15.47 1.04 -13.43
N TYR B 196 -16.05 0.10 -12.69
CA TYR B 196 -17.35 0.29 -12.08
C TYR B 196 -17.47 -0.74 -10.97
N ALA B 197 -18.58 -0.70 -10.24
CA ALA B 197 -18.72 -1.50 -9.01
C ALA B 197 -18.58 -2.99 -9.27
N GLY B 198 -18.93 -3.46 -10.48
CA GLY B 198 -18.78 -4.87 -10.80
C GLY B 198 -17.34 -5.33 -10.78
N HIS B 199 -16.41 -4.38 -10.90
CA HIS B 199 -14.96 -4.72 -10.97
C HIS B 199 -14.22 -4.26 -9.71
N VAL B 200 -14.97 -3.84 -8.70
CA VAL B 200 -14.36 -3.37 -7.42
C VAL B 200 -14.70 -4.39 -6.33
N LEU B 201 -13.69 -4.84 -5.61
CA LEU B 201 -13.90 -5.88 -4.57
C LEU B 201 -13.81 -5.18 -3.22
N ALA B 202 -14.81 -5.39 -2.37
CA ALA B 202 -14.83 -4.66 -1.09
C ALA B 202 -15.39 -5.50 0.06
N SER B 203 -15.02 -5.12 1.29
CA SER B 203 -15.58 -5.76 2.51
C SER B 203 -17.01 -5.25 2.69
N LYS B 204 -17.79 -5.87 3.58
CA LYS B 204 -19.22 -5.51 3.77
C LYS B 204 -19.29 -4.05 4.19
N ASP B 205 -18.31 -3.60 4.98
CA ASP B 205 -18.22 -2.18 5.42
C ASP B 205 -18.03 -1.30 4.17
N GLY B 206 -17.56 -1.90 3.07
CA GLY B 206 -17.32 -1.14 1.82
C GLY B 206 -15.89 -0.68 1.64
N ALA B 207 -14.97 -1.09 2.51
CA ALA B 207 -13.57 -0.73 2.23
C ALA B 207 -13.14 -1.48 0.96
N VAL B 208 -12.55 -0.77 0.01
CA VAL B 208 -12.09 -1.41 -1.26
C VAL B 208 -10.88 -2.29 -0.93
N SER B 209 -10.82 -3.48 -1.53
CA SER B 209 -9.71 -4.44 -1.24
C SER B 209 -9.08 -4.92 -2.55
N GLY B 210 -9.76 -4.73 -3.67
CA GLY B 210 -9.23 -5.27 -4.91
C GLY B 210 -9.92 -4.64 -6.10
N VAL B 211 -9.29 -4.77 -7.27
CA VAL B 211 -9.85 -4.35 -8.56
C VAL B 211 -9.47 -5.41 -9.58
N ILE B 212 -10.40 -5.84 -10.46
CA ILE B 212 -10.18 -7.12 -11.18
C ILE B 212 -9.80 -6.98 -12.67
N ASP B 213 -10.67 -6.44 -13.47
CA ASP B 213 -10.66 -6.71 -14.92
C ASP B 213 -9.91 -5.59 -15.64
N TRP B 214 -8.65 -5.83 -16.07
CA TRP B 214 -7.72 -4.76 -16.39
C TRP B 214 -7.32 -4.63 -17.86
N SER B 215 -8.02 -5.29 -18.78
CA SER B 215 -7.57 -5.32 -20.17
C SER B 215 -7.59 -3.93 -20.80
N THR B 216 -8.41 -3.02 -20.31
CA THR B 216 -8.62 -1.72 -20.94
C THR B 216 -7.67 -0.62 -20.51
N ALA B 217 -6.76 -0.88 -19.56
CA ALA B 217 -6.00 0.19 -18.91
C ALA B 217 -5.04 0.87 -19.89
N HIS B 218 -4.99 2.20 -19.83
CA HIS B 218 -4.14 2.99 -20.71
C HIS B 218 -4.22 4.45 -20.23
N ILE B 219 -3.46 5.34 -20.87
CA ILE B 219 -3.50 6.76 -20.55
C ILE B 219 -4.59 7.43 -21.37
N ASP B 220 -5.49 8.15 -20.70
CA ASP B 220 -6.67 8.70 -21.35
C ASP B 220 -7.30 9.72 -20.40
N ASP B 221 -8.51 10.13 -20.74
CA ASP B 221 -9.26 11.11 -19.96
C ASP B 221 -9.59 10.54 -18.59
N PRO B 222 -9.17 11.17 -17.49
CA PRO B 222 -9.48 10.62 -16.16
C PRO B 222 -10.97 10.46 -15.92
N ALA B 223 -11.81 11.28 -16.56
CA ALA B 223 -13.25 11.18 -16.31
C ALA B 223 -13.79 9.79 -16.63
N ILE B 224 -13.13 9.05 -17.52
CA ILE B 224 -13.56 7.70 -17.84
C ILE B 224 -13.63 6.83 -16.60
N ASP B 225 -12.74 7.05 -15.63
CA ASP B 225 -12.69 6.26 -14.39
C ASP B 225 -13.68 6.73 -13.34
N PHE B 226 -14.45 7.79 -13.60
CA PHE B 226 -15.54 8.22 -12.73
C PHE B 226 -16.92 7.92 -13.29
N ALA B 227 -17.02 7.65 -14.60
CA ALA B 227 -18.32 7.50 -15.25
C ALA B 227 -19.08 6.29 -14.72
N GLY B 228 -18.37 5.17 -14.52
CA GLY B 228 -19.04 4.00 -14.00
C GLY B 228 -19.66 4.24 -12.64
N HIS B 229 -19.03 5.09 -11.84
CA HIS B 229 -19.58 5.39 -10.53
C HIS B 229 -20.91 6.11 -10.64
N VAL B 230 -20.98 7.15 -11.47
CA VAL B 230 -22.22 7.92 -11.53
C VAL B 230 -23.36 7.08 -12.12
N THR B 231 -23.07 6.16 -13.04
CA THR B 231 -24.14 5.35 -13.60
C THR B 231 -24.87 4.55 -12.52
N LEU B 232 -24.12 4.04 -11.54
CA LEU B 232 -24.70 3.17 -10.53
C LEU B 232 -25.00 3.85 -9.19
N PHE B 233 -24.32 4.95 -8.86
CA PHE B 233 -24.46 5.57 -7.55
C PHE B 233 -25.15 6.92 -7.56
N GLY B 234 -25.24 7.59 -8.70
CA GLY B 234 -25.96 8.84 -8.77
C GLY B 234 -25.05 10.05 -8.65
N GLU B 235 -25.64 11.22 -8.94
CA GLU B 235 -24.84 12.43 -9.09
C GLU B 235 -24.32 12.94 -7.76
N GLU B 236 -25.11 12.85 -6.69
CA GLU B 236 -24.59 13.34 -5.41
C GLU B 236 -23.43 12.48 -4.92
N SER B 237 -23.52 11.18 -5.13
CA SER B 237 -22.38 10.33 -4.76
C SER B 237 -21.15 10.69 -5.57
N LEU B 238 -21.31 10.89 -6.88
CA LEU B 238 -20.18 11.31 -7.70
C LEU B 238 -19.56 12.59 -7.18
N LYS B 239 -20.40 13.56 -6.78
CA LYS B 239 -19.82 14.81 -6.26
C LYS B 239 -18.97 14.56 -5.02
N THR B 240 -19.44 13.69 -4.12
CA THR B 240 -18.65 13.40 -2.93
C THR B 240 -17.36 12.67 -3.30
N LEU B 241 -17.44 11.76 -4.26
CA LEU B 241 -16.24 11.06 -4.71
C LEU B 241 -15.20 12.04 -5.26
N ILE B 242 -15.65 13.03 -6.04
CA ILE B 242 -14.71 14.00 -6.58
C ILE B 242 -14.05 14.78 -5.45
N ILE B 243 -14.83 15.16 -4.44
CA ILE B 243 -14.27 15.90 -3.32
C ILE B 243 -13.22 15.08 -2.58
N GLU B 244 -13.53 13.81 -2.32
CA GLU B 244 -12.58 12.96 -1.61
C GLU B 244 -11.32 12.73 -2.45
N TYR B 245 -11.49 12.57 -3.76
CA TYR B 245 -10.35 12.38 -4.65
C TYR B 245 -9.45 13.61 -4.66
N GLU B 246 -10.06 14.80 -4.76
CA GLU B 246 -9.30 16.04 -4.73
C GLU B 246 -8.56 16.21 -3.40
N LYS B 247 -9.21 15.81 -2.29
CA LYS B 247 -8.58 15.89 -0.98
C LYS B 247 -7.27 15.12 -0.92
N LEU B 248 -7.20 13.98 -1.61
CA LEU B 248 -6.00 13.16 -1.63
C LEU B 248 -4.93 13.71 -2.57
N GLY B 249 -5.22 14.77 -3.31
CA GLY B 249 -4.32 15.28 -4.30
C GLY B 249 -4.63 14.86 -5.73
N GLY B 250 -5.77 14.25 -5.97
CA GLY B 250 -6.14 13.90 -7.33
C GLY B 250 -6.33 15.14 -8.19
N LYS B 251 -5.82 15.08 -9.41
CA LYS B 251 -5.94 16.20 -10.34
C LYS B 251 -7.35 16.29 -10.85
N VAL B 252 -7.98 17.45 -10.67
CA VAL B 252 -9.38 17.66 -11.04
C VAL B 252 -9.46 18.89 -11.92
N TRP B 253 -10.62 19.06 -12.55
CA TRP B 253 -10.96 20.31 -13.23
C TRP B 253 -12.43 20.61 -12.98
N ASN B 254 -12.81 21.89 -13.19
CA ASN B 254 -14.14 22.32 -12.76
C ASN B 254 -15.25 21.54 -13.44
N LYS B 255 -15.07 21.13 -14.69
CA LYS B 255 -16.13 20.45 -15.42
C LYS B 255 -15.99 18.93 -15.33
N LEU B 256 -15.17 18.44 -14.40
CA LEU B 256 -14.98 16.99 -14.29
C LEU B 256 -16.31 16.29 -14.05
N TYR B 257 -17.17 16.90 -13.24
CA TYR B 257 -18.49 16.33 -12.99
C TYR B 257 -19.30 16.24 -14.29
N GLU B 258 -19.36 17.34 -15.06
CA GLU B 258 -20.14 17.33 -16.29
C GLU B 258 -19.54 16.38 -17.31
N GLN B 259 -18.22 16.38 -17.45
CA GLN B 259 -17.56 15.49 -18.38
C GLN B 259 -17.84 14.03 -18.01
N THR B 260 -17.88 13.75 -16.71
CA THR B 260 -18.23 12.40 -16.26
C THR B 260 -19.65 12.05 -16.68
N LEU B 261 -20.56 13.03 -16.59
CA LEU B 261 -21.93 12.82 -17.04
C LEU B 261 -21.98 12.44 -18.52
N GLU B 262 -21.21 13.16 -19.35
CA GLU B 262 -21.21 12.88 -20.77
C GLU B 262 -20.59 11.52 -21.06
N ARG B 263 -19.55 11.17 -20.31
CA ARG B 263 -18.93 9.85 -20.47
C ARG B 263 -19.92 8.73 -20.17
N ALA B 264 -20.70 8.87 -19.09
CA ALA B 264 -21.68 7.84 -18.76
C ALA B 264 -22.69 7.66 -19.89
N ALA B 265 -23.14 8.77 -20.47
CA ALA B 265 -24.09 8.73 -21.58
C ALA B 265 -23.49 8.15 -22.85
N ALA B 266 -22.16 8.16 -23.00
CA ALA B 266 -21.51 7.68 -24.20
C ALA B 266 -21.35 6.18 -24.22
N SER B 267 -21.80 5.50 -23.16
CA SER B 267 -21.65 4.03 -23.06
C SER B 267 -22.16 3.34 -24.33
N PRO B 268 -23.33 3.68 -24.89
CA PRO B 268 -23.84 2.97 -26.07
C PRO B 268 -22.87 3.15 -27.24
N LEU B 269 -22.33 4.36 -27.41
CA LEU B 269 -21.34 4.59 -28.50
C LEU B 269 -20.10 3.72 -28.29
N MET B 270 -19.62 3.64 -27.04
CA MET B 270 -18.40 2.83 -26.75
C MET B 270 -18.71 1.35 -27.02
N TYR B 271 -19.89 0.88 -26.63
CA TYR B 271 -20.27 -0.53 -26.85
C TYR B 271 -20.33 -0.82 -28.35
N GLY B 272 -20.89 0.12 -29.12
CA GLY B 272 -20.99 -0.07 -30.58
C GLY B 272 -19.61 -0.14 -31.21
N LEU B 273 -18.70 0.73 -30.76
CA LEU B 273 -17.32 0.71 -31.28
C LEU B 273 -16.67 -0.63 -30.91
N PHE B 274 -16.90 -1.08 -29.68
CA PHE B 274 -16.29 -2.34 -29.21
C PHE B 274 -16.82 -3.51 -30.06
N ALA B 275 -18.13 -3.52 -30.34
CA ALA B 275 -18.72 -4.64 -31.09
C ALA B 275 -18.12 -4.70 -32.49
N LEU B 276 -17.94 -3.53 -33.11
CA LEU B 276 -17.38 -3.48 -34.48
C LEU B 276 -15.95 -4.03 -34.49
N GLU B 277 -15.16 -3.69 -33.48
CA GLU B 277 -13.75 -4.18 -33.42
C GLU B 277 -13.78 -5.71 -33.28
N THR B 278 -14.68 -6.24 -32.45
CA THR B 278 -14.85 -7.71 -32.30
C THR B 278 -15.32 -8.32 -33.62
N GLN B 279 -16.20 -7.63 -34.34
CA GLN B 279 -16.83 -8.22 -35.55
C GLN B 279 -17.65 -9.43 -35.11
N ASN B 280 -18.22 -9.38 -33.91
CA ASN B 280 -19.09 -10.49 -33.43
C ASN B 280 -20.53 -10.00 -33.55
N GLU B 281 -21.36 -10.75 -34.28
CA GLU B 281 -22.74 -10.27 -34.56
C GLU B 281 -23.57 -10.11 -33.28
N SER B 282 -23.45 -11.03 -32.34
CA SER B 282 -24.35 -10.96 -31.14
C SER B 282 -24.08 -9.66 -30.37
N LEU B 283 -22.81 -9.29 -30.21
CA LEU B 283 -22.49 -8.00 -29.55
C LEU B 283 -23.07 -6.86 -30.39
N ILE B 284 -22.93 -6.97 -31.71
CA ILE B 284 -23.40 -5.87 -32.61
C ILE B 284 -24.90 -5.73 -32.42
N VAL B 285 -25.61 -6.86 -32.30
CA VAL B 285 -27.09 -6.82 -32.11
C VAL B 285 -27.40 -6.11 -30.79
N GLY B 286 -26.62 -6.41 -29.75
CA GLY B 286 -26.82 -5.77 -28.44
C GLY B 286 -26.59 -4.27 -28.51
N ALA B 287 -25.57 -3.85 -29.26
CA ALA B 287 -25.21 -2.42 -29.32
C ALA B 287 -26.33 -1.65 -30.02
N LYS B 288 -26.87 -2.22 -31.09
CA LYS B 288 -27.91 -1.51 -31.88
C LYS B 288 -29.09 -1.19 -30.96
N ALA B 289 -29.47 -2.11 -30.09
CA ALA B 289 -30.58 -1.85 -29.16
C ALA B 289 -30.24 -0.69 -28.23
N GLN B 290 -29.01 -0.64 -27.71
CA GLN B 290 -28.56 0.50 -26.86
C GLN B 290 -28.56 1.78 -27.70
N LEU B 291 -28.13 1.69 -28.95
CA LEU B 291 -28.05 2.86 -29.87
C LEU B 291 -29.46 3.43 -30.15
N GLY B 292 -30.49 2.58 -30.22
CA GLY B 292 -31.88 3.06 -30.42
C GLY B 292 -32.30 3.22 -31.87
N VAL B 293 -31.50 2.75 -32.82
CA VAL B 293 -31.80 2.93 -34.26
C VAL B 293 -32.98 2.06 -34.72
N ILE B 294 -33.93 2.62 -35.49
CA ILE B 294 -35.00 1.84 -36.09
C ILE B 294 -34.90 0.33 -35.90
#